data_5JN0
#
_entry.id   5JN0
#
_cell.length_a   86.082
_cell.length_b   86.082
_cell.length_c   33.847
_cell.angle_alpha   90.000
_cell.angle_beta   90.000
_cell.angle_gamma   120.000
#
_symmetry.space_group_name_H-M   'H 3'
#
loop_
_entity.id
_entity.type
_entity.pdbx_description
1 polymer 'CRK-II SH2 domain'
2 non-polymer 'CHLORIDE ION'
3 water water
#
_entity_poly.entity_id   1
_entity_poly.type   'polypeptide(L)'
_entity_poly.pdbx_seq_one_letter_code
;DSEERSSWYWGRLSRQEAVALLQGQRHGVFLVRDSSTSPGDYVLSVSENSRVSHYIINSSGPRRLRIGDQEFDSLPALLE
FYKIHYLDTTTLIEPVARS
;
_entity_poly.pdbx_strand_id   A
#
loop_
_chem_comp.id
_chem_comp.type
_chem_comp.name
_chem_comp.formula
CL non-polymer 'CHLORIDE ION' 'Cl -1'
#
# COMPACT_ATOMS: atom_id res chain seq x y z
N ASP A 1 12.53 -10.55 17.17
CA ASP A 1 12.59 -11.13 18.51
C ASP A 1 11.31 -10.78 19.26
N SER A 2 10.94 -9.51 19.18
CA SER A 2 9.70 -9.05 19.78
C SER A 2 8.69 -8.76 18.67
N GLU A 3 7.45 -9.16 18.90
CA GLU A 3 6.39 -8.93 17.91
C GLU A 3 5.98 -7.46 17.91
N GLU A 4 5.76 -6.93 16.72
CA GLU A 4 5.36 -5.53 16.59
C GLU A 4 3.85 -5.40 16.46
N ARG A 5 3.34 -4.25 16.85
CA ARG A 5 1.94 -3.89 16.63
C ARG A 5 1.64 -3.98 15.13
N SER A 6 0.40 -4.28 14.79
CA SER A 6 -0.01 -4.29 13.39
C SER A 6 0.16 -2.88 12.84
N SER A 7 0.59 -2.76 11.59
CA SER A 7 0.72 -1.46 10.96
C SER A 7 0.15 -1.46 9.53
N TRP A 8 1.00 -1.30 8.53
CA TRP A 8 0.54 -1.13 7.16
C TRP A 8 -0.02 -2.39 6.48
N TYR A 9 0.36 -3.57 6.96
CA TYR A 9 -0.07 -4.81 6.31
C TYR A 9 -1.39 -5.33 6.89
N TRP A 10 -2.37 -5.55 6.01
CA TRP A 10 -3.70 -5.97 6.44
C TRP A 10 -4.09 -7.37 5.96
N GLY A 11 -3.14 -8.09 5.37
CA GLY A 11 -3.41 -9.42 4.86
C GLY A 11 -4.48 -9.40 3.77
N ARG A 12 -5.35 -10.39 3.77
CA ARG A 12 -6.40 -10.48 2.75
C ARG A 12 -7.57 -9.56 3.05
N LEU A 13 -7.41 -8.30 2.71
CA LEU A 13 -8.44 -7.29 2.89
C LEU A 13 -9.05 -6.99 1.53
N SER A 14 -10.37 -6.89 1.46
CA SER A 14 -11.03 -6.61 0.20
C SER A 14 -10.82 -5.15 -0.21
N ARG A 15 -11.05 -4.86 -1.48
CA ARG A 15 -10.93 -3.50 -1.97
C ARG A 15 -11.92 -2.61 -1.25
N GLN A 16 -13.14 -3.14 -1.04
CA GLN A 16 -14.19 -2.39 -0.37
C GLN A 16 -13.77 -2.03 1.05
N GLU A 17 -13.15 -2.97 1.75
CA GLU A 17 -12.68 -2.74 3.12
C GLU A 17 -11.56 -1.69 3.13
N ALA A 18 -10.66 -1.78 2.17
CA ALA A 18 -9.58 -0.81 2.03
C ALA A 18 -10.14 0.59 1.81
N VAL A 19 -11.15 0.70 0.94
CA VAL A 19 -11.78 1.99 0.69
C VAL A 19 -12.42 2.53 1.97
N ALA A 20 -13.11 1.67 2.70
CA ALA A 20 -13.75 2.07 3.95
C ALA A 20 -12.73 2.68 4.91
N LEU A 21 -11.54 2.09 4.96
CA LEU A 21 -10.47 2.55 5.84
C LEU A 21 -9.82 3.84 5.39
N LEU A 22 -9.66 4.01 4.08
CA LEU A 22 -8.82 5.08 3.54
C LEU A 22 -9.57 6.31 3.02
N GLN A 23 -10.84 6.14 2.64
CA GLN A 23 -11.59 7.27 2.10
C GLN A 23 -11.72 8.37 3.16
N GLY A 24 -11.30 9.59 2.79
CA GLY A 24 -11.39 10.70 3.71
C GLY A 24 -10.12 10.94 4.51
N GLN A 25 -9.22 9.96 4.48
CA GLN A 25 -7.93 10.11 5.12
C GLN A 25 -7.08 11.11 4.36
N ARG A 26 -6.13 11.76 5.03
CA ARG A 26 -5.23 12.66 4.35
C ARG A 26 -4.53 11.91 3.23
N HIS A 27 -4.23 12.60 2.14
N HIS A 27 -4.24 12.60 2.13
CA HIS A 27 -3.54 11.98 1.02
CA HIS A 27 -3.56 11.97 1.01
C HIS A 27 -2.23 11.37 1.49
C HIS A 27 -2.24 11.37 1.48
N GLY A 28 -1.93 10.17 1.00
CA GLY A 28 -0.70 9.49 1.37
C GLY A 28 -0.86 8.50 2.50
N VAL A 29 -2.03 8.50 3.13
CA VAL A 29 -2.34 7.48 4.14
C VAL A 29 -2.64 6.19 3.40
N PHE A 30 -2.00 5.09 3.81
CA PHE A 30 -1.99 3.89 2.99
C PHE A 30 -2.07 2.58 3.77
N LEU A 31 -2.23 1.50 3.01
CA LEU A 31 -2.11 0.14 3.54
C LEU A 31 -1.71 -0.79 2.41
N VAL A 32 -1.26 -1.99 2.76
CA VAL A 32 -0.98 -3.02 1.77
C VAL A 32 -1.83 -4.23 2.08
N ARG A 33 -2.47 -4.80 1.05
CA ARG A 33 -3.29 -5.98 1.22
C ARG A 33 -2.90 -7.03 0.20
N ASP A 34 -3.19 -8.29 0.52
CA ASP A 34 -2.97 -9.38 -0.44
C ASP A 34 -3.89 -9.20 -1.64
N SER A 35 -3.41 -9.60 -2.81
CA SER A 35 -4.27 -9.64 -3.99
C SER A 35 -5.43 -10.61 -3.75
N SER A 36 -6.63 -10.19 -4.13
CA SER A 36 -7.80 -11.06 -4.01
C SER A 36 -7.85 -12.07 -5.14
N THR A 37 -7.18 -11.77 -6.24
CA THR A 37 -7.32 -12.59 -7.46
C THR A 37 -6.06 -13.36 -7.85
N SER A 38 -4.90 -12.87 -7.42
CA SER A 38 -3.64 -13.45 -7.83
C SER A 38 -2.78 -13.81 -6.64
N PRO A 39 -2.82 -15.08 -6.23
CA PRO A 39 -2.01 -15.56 -5.10
C PRO A 39 -0.55 -15.16 -5.27
N GLY A 40 0.01 -14.52 -4.24
CA GLY A 40 1.40 -14.11 -4.26
C GLY A 40 1.60 -12.62 -4.50
N ASP A 41 0.58 -11.99 -5.06
CA ASP A 41 0.67 -10.56 -5.38
C ASP A 41 0.03 -9.70 -4.29
N TYR A 42 0.20 -8.40 -4.40
CA TYR A 42 -0.31 -7.46 -3.40
C TYR A 42 -0.94 -6.24 -4.03
N VAL A 43 -1.63 -5.45 -3.22
CA VAL A 43 -2.18 -4.19 -3.69
C VAL A 43 -1.83 -3.10 -2.68
N LEU A 44 -1.30 -1.99 -3.18
CA LEU A 44 -1.03 -0.82 -2.35
C LEU A 44 -2.20 0.14 -2.49
N SER A 45 -2.98 0.28 -1.42
CA SER A 45 -4.12 1.18 -1.42
C SER A 45 -3.76 2.45 -0.68
N VAL A 46 -4.11 3.60 -1.24
CA VAL A 46 -3.68 4.87 -0.68
C VAL A 46 -4.69 5.99 -0.96
N SER A 47 -4.97 6.79 0.05
CA SER A 47 -5.80 7.98 -0.14
C SER A 47 -5.08 8.90 -1.11
N GLU A 48 -5.76 9.23 -2.22
CA GLU A 48 -5.13 10.00 -3.28
C GLU A 48 -6.21 10.61 -4.19
N ASN A 49 -6.02 11.87 -4.55
CA ASN A 49 -6.96 12.56 -5.44
C ASN A 49 -8.38 12.64 -4.87
N SER A 50 -8.49 12.71 -3.54
CA SER A 50 -9.80 12.77 -2.88
C SER A 50 -10.58 11.46 -2.98
N ARG A 51 -9.91 10.42 -3.48
CA ARG A 51 -10.50 9.09 -3.54
C ARG A 51 -9.49 8.10 -2.98
N VAL A 52 -9.57 6.84 -3.42
CA VAL A 52 -8.61 5.84 -3.00
C VAL A 52 -8.02 5.17 -4.24
N SER A 53 -6.70 5.22 -4.35
CA SER A 53 -5.99 4.55 -5.44
C SER A 53 -5.58 3.15 -5.01
N HIS A 54 -5.49 2.24 -5.99
CA HIS A 54 -5.09 0.87 -5.71
C HIS A 54 -4.04 0.43 -6.71
N TYR A 55 -2.80 0.40 -6.26
CA TYR A 55 -1.67 0.08 -7.14
C TYR A 55 -1.36 -1.41 -7.08
N ILE A 56 -1.35 -2.04 -8.24
CA ILE A 56 -1.10 -3.47 -8.34
C ILE A 56 0.38 -3.77 -8.16
N ILE A 57 0.70 -4.62 -7.18
CA ILE A 57 2.07 -5.08 -6.98
C ILE A 57 2.20 -6.53 -7.45
N ASN A 58 2.87 -6.71 -8.58
CA ASN A 58 3.07 -8.04 -9.14
C ASN A 58 4.33 -8.70 -8.61
N SER A 59 4.21 -9.96 -8.21
CA SER A 59 5.35 -10.72 -7.71
C SER A 59 5.86 -11.70 -8.77
N ARG A 63 11.33 -11.95 -3.58
CA ARG A 63 12.37 -10.93 -3.71
C ARG A 63 12.24 -10.16 -5.02
N ARG A 64 11.09 -10.31 -5.67
CA ARG A 64 10.81 -9.57 -6.89
C ARG A 64 9.39 -9.03 -6.86
N LEU A 65 9.26 -7.75 -6.52
CA LEU A 65 7.95 -7.11 -6.45
C LEU A 65 7.88 -5.92 -7.40
N ARG A 66 6.94 -5.98 -8.34
CA ARG A 66 6.87 -4.98 -9.40
C ARG A 66 5.62 -4.11 -9.33
N ILE A 67 5.81 -2.80 -9.39
CA ILE A 67 4.73 -1.84 -9.45
C ILE A 67 4.95 -0.93 -10.65
N GLY A 68 4.11 -1.10 -11.68
CA GLY A 68 4.36 -0.44 -12.95
C GLY A 68 5.66 -0.94 -13.54
N ASP A 69 6.59 -0.03 -13.81
CA ASP A 69 7.88 -0.38 -14.39
C ASP A 69 8.99 -0.40 -13.33
N GLN A 70 8.60 -0.26 -12.07
CA GLN A 70 9.56 -0.23 -10.96
C GLN A 70 9.53 -1.55 -10.19
N GLU A 71 10.70 -2.15 -10.01
N GLU A 71 10.70 -2.15 -10.01
CA GLU A 71 10.79 -3.42 -9.28
CA GLU A 71 10.79 -3.42 -9.27
C GLU A 71 11.62 -3.28 -8.00
C GLU A 71 11.62 -3.29 -8.01
N PHE A 72 11.21 -4.01 -6.96
CA PHE A 72 11.89 -3.96 -5.68
C PHE A 72 12.08 -5.37 -5.14
N ASP A 73 13.02 -5.53 -4.21
CA ASP A 73 13.31 -6.86 -3.67
C ASP A 73 12.52 -7.18 -2.40
N SER A 74 11.68 -6.25 -1.96
CA SER A 74 10.85 -6.47 -0.79
C SER A 74 9.77 -5.40 -0.67
N LEU A 75 8.74 -5.68 0.10
CA LEU A 75 7.67 -4.71 0.32
C LEU A 75 8.18 -3.46 1.05
N PRO A 76 8.96 -3.63 2.13
CA PRO A 76 9.50 -2.45 2.79
C PRO A 76 10.28 -1.55 1.84
N ALA A 77 11.06 -2.14 0.93
CA ALA A 77 11.83 -1.36 -0.03
C ALA A 77 10.91 -0.58 -0.97
N LEU A 78 9.85 -1.24 -1.43
CA LEU A 78 8.86 -0.60 -2.29
C LEU A 78 8.22 0.60 -1.58
N LEU A 79 7.81 0.38 -0.32
CA LEU A 79 7.13 1.42 0.45
C LEU A 79 8.06 2.60 0.73
N GLU A 80 9.31 2.31 1.03
N GLU A 80 9.32 2.30 1.04
CA GLU A 80 10.29 3.37 1.28
CA GLU A 80 10.30 3.35 1.27
C GLU A 80 10.53 4.20 0.02
C GLU A 80 10.47 4.20 0.01
N PHE A 81 10.54 3.54 -1.14
CA PHE A 81 10.73 4.22 -2.39
C PHE A 81 9.61 5.23 -2.63
N TYR A 82 8.38 4.83 -2.32
CA TYR A 82 7.24 5.70 -2.59
C TYR A 82 6.94 6.65 -1.43
N LYS A 83 7.72 6.55 -0.37
CA LYS A 83 7.74 7.60 0.65
C LYS A 83 8.54 8.78 0.09
N ILE A 84 9.54 8.46 -0.74
CA ILE A 84 10.42 9.46 -1.32
C ILE A 84 9.92 9.97 -2.67
N HIS A 85 9.34 9.07 -3.45
CA HIS A 85 8.91 9.40 -4.81
C HIS A 85 7.40 9.38 -4.96
N TYR A 86 6.87 10.30 -5.76
CA TYR A 86 5.44 10.40 -6.01
C TYR A 86 4.90 9.20 -6.78
N LEU A 87 3.69 8.79 -6.42
CA LEU A 87 2.94 7.84 -7.23
C LEU A 87 2.27 8.62 -8.34
N ASP A 88 0.99 8.96 -8.18
CA ASP A 88 0.33 9.84 -9.16
C ASP A 88 0.41 11.28 -8.67
N THR A 89 -0.27 11.57 -7.57
CA THR A 89 -0.27 12.92 -7.01
C THR A 89 0.21 12.98 -5.56
N THR A 90 0.45 11.82 -4.95
CA THR A 90 0.91 11.77 -3.57
C THR A 90 2.08 10.81 -3.37
N THR A 91 2.83 11.04 -2.30
CA THR A 91 3.79 10.06 -1.81
C THR A 91 3.14 9.33 -0.65
N LEU A 92 3.77 8.28 -0.17
CA LEU A 92 3.27 7.57 1.00
C LEU A 92 3.67 8.29 2.27
N ILE A 93 2.69 8.64 3.10
CA ILE A 93 2.95 9.42 4.31
C ILE A 93 2.98 8.55 5.57
N GLU A 94 1.94 7.75 5.77
CA GLU A 94 1.85 6.90 6.95
C GLU A 94 0.76 5.86 6.80
N PRO A 95 0.91 4.71 7.48
CA PRO A 95 -0.13 3.68 7.45
C PRO A 95 -1.40 4.17 8.11
N VAL A 96 -2.55 3.72 7.64
CA VAL A 96 -3.82 4.14 8.23
C VAL A 96 -3.89 3.65 9.67
N ALA A 97 -4.42 4.49 10.55
CA ALA A 97 -4.54 4.17 11.97
C ALA A 97 -5.54 3.04 12.21
N ARG A 98 -5.30 2.28 13.27
CA ARG A 98 -6.21 1.20 13.64
C ARG A 98 -7.00 1.56 14.89
N SER A 99 -8.31 1.35 14.84
CA SER A 99 -9.18 1.65 15.96
C SER A 99 -8.93 0.74 17.15
CL CL B . -5.06 15.55 2.21
CL CL C . -5.04 7.12 9.89
#